data_4MLH
#
_entry.id   4MLH
#
_cell.length_a   78.770
_cell.length_b   78.770
_cell.length_c   319.620
_cell.angle_alpha   90.00
_cell.angle_beta   90.00
_cell.angle_gamma   120.00
#
_symmetry.space_group_name_H-M   'P 65 2 2'
#
loop_
_entity.id
_entity.type
_entity.pdbx_description
1 polymer Glucokinase
2 non-polymer alpha-D-glucopyranose
3 non-polymer 3-(benzyloxy)-5-methyl-N-(4-methyl-1,3-thiazol-2-yl)pyridin-2-amine
#
_entity_poly.entity_id   1
_entity_poly.type   'polypeptide(L)'
_entity_poly.pdbx_seq_one_letter_code
;MALTLVEQILAEFQLQEEDLKKVMRRMQKEMDRGLRLETHEEASVKMLPTYVRSTPEGSEVGDFLSLDLGGTNFRVMLVK
VGEGEEGQWSVKTKHQMYSIPEDAMTGTAEMLFDYISECISDFLDKHQMKHKKLPLGFTFSFPVRHEDIDKGILLNWTKG
FKASGAEGNNVVGLLRDAIKRRGDFEMDVVAMVNDTVATMISCYYEDHQCEVGMIVGTGCNACYMEEMQNVELVEGDEGR
MCVNTEWGAFGDSGELDEFLLEYDRLVDESSANPGQQLYEKLIGGKYMGELVRLVLLRLVDENLLFHGEASEQLRTRGAF
ETRFVSQVESDTGDRKQIYNILSTLGLRPSTTDCDIVRRACESVSTRAAHMCSAGLAGVINRMRESRSEDVMRITVGVDG
SVYKLHPSFKERFHASVRRLTPSCEITFIESEEGSGRGAALVSAVACKKACMLGQ
;
_entity_poly.pdbx_strand_id   A
#
# COMPACT_ATOMS: atom_id res chain seq x y z
N THR A 4 -7.09 -35.03 -2.05
CA THR A 4 -5.74 -34.82 -2.64
C THR A 4 -5.82 -34.25 -4.06
N LEU A 5 -6.78 -34.72 -4.85
CA LEU A 5 -6.94 -34.17 -6.19
C LEU A 5 -7.09 -32.65 -6.13
N VAL A 6 -7.77 -32.17 -5.08
CA VAL A 6 -7.91 -30.74 -4.83
C VAL A 6 -6.65 -30.23 -4.16
N GLU A 7 -6.19 -30.95 -3.15
CA GLU A 7 -5.02 -30.52 -2.40
C GLU A 7 -3.74 -30.49 -3.24
N GLN A 8 -3.71 -31.25 -4.33
CA GLN A 8 -2.61 -31.19 -5.29
C GLN A 8 -2.59 -29.85 -6.02
N ILE A 9 -3.78 -29.39 -6.40
CA ILE A 9 -3.94 -28.15 -7.14
C ILE A 9 -3.65 -26.96 -6.25
N LEU A 10 -4.06 -27.08 -4.99
CA LEU A 10 -3.82 -26.05 -4.00
C LEU A 10 -2.36 -26.02 -3.55
N ALA A 11 -1.75 -27.18 -3.34
CA ALA A 11 -0.38 -27.24 -2.83
C ALA A 11 0.56 -26.44 -3.74
N GLU A 12 0.05 -26.04 -4.90
CA GLU A 12 0.78 -25.25 -5.87
C GLU A 12 1.12 -23.87 -5.30
N PHE A 13 0.28 -23.39 -4.38
CA PHE A 13 0.45 -22.07 -3.80
C PHE A 13 1.43 -22.09 -2.65
N GLN A 14 1.94 -23.27 -2.32
CA GLN A 14 2.81 -23.41 -1.17
C GLN A 14 4.19 -22.83 -1.46
N LEU A 15 4.86 -22.41 -0.39
CA LEU A 15 6.20 -21.84 -0.47
C LEU A 15 7.00 -22.31 0.70
N GLN A 16 8.13 -22.93 0.44
CA GLN A 16 8.97 -23.47 1.50
C GLN A 16 9.81 -22.38 2.19
N GLU A 17 10.14 -22.62 3.45
CA GLU A 17 11.03 -21.75 4.20
C GLU A 17 12.23 -21.35 3.36
N GLU A 18 12.73 -22.27 2.54
CA GLU A 18 13.89 -21.97 1.73
C GLU A 18 13.50 -21.11 0.53
N ASP A 19 12.26 -21.24 0.11
CA ASP A 19 11.77 -20.39 -0.97
C ASP A 19 11.68 -18.92 -0.55
N LEU A 20 11.15 -18.67 0.65
CA LEU A 20 11.01 -17.31 1.14
C LEU A 20 12.37 -16.64 1.37
N LYS A 21 13.34 -17.43 1.85
CA LYS A 21 14.71 -16.94 2.00
C LYS A 21 15.25 -16.48 0.67
N LYS A 22 14.96 -17.25 -0.38
CA LYS A 22 15.44 -16.92 -1.71
C LYS A 22 14.79 -15.62 -2.14
N VAL A 23 13.49 -15.50 -1.89
CA VAL A 23 12.77 -14.28 -2.23
C VAL A 23 13.35 -13.13 -1.42
N MET A 24 13.54 -13.35 -0.13
CA MET A 24 14.09 -12.31 0.73
C MET A 24 15.47 -11.83 0.25
N ARG A 25 16.27 -12.72 -0.30
CA ARG A 25 17.58 -12.33 -0.74
C ARG A 25 17.48 -11.56 -2.06
N ARG A 26 16.53 -11.97 -2.91
CA ARG A 26 16.36 -11.31 -4.18
C ARG A 26 15.85 -9.88 -3.98
N MET A 27 14.96 -9.68 -3.01
CA MET A 27 14.49 -8.33 -2.70
C MET A 27 15.65 -7.45 -2.21
N GLN A 28 16.45 -7.96 -1.28
CA GLN A 28 17.61 -7.21 -0.80
C GLN A 28 18.44 -6.76 -1.98
N LYS A 29 18.48 -7.59 -3.01
CA LYS A 29 19.30 -7.32 -4.18
C LYS A 29 18.73 -6.15 -5.01
N GLU A 30 17.46 -6.26 -5.37
CA GLU A 30 16.82 -5.21 -6.17
C GLU A 30 16.84 -3.90 -5.40
N MET A 31 16.87 -4.01 -4.08
CA MET A 31 16.86 -2.81 -3.24
C MET A 31 18.17 -2.06 -3.39
N ASP A 32 19.29 -2.79 -3.38
CA ASP A 32 20.59 -2.14 -3.49
C ASP A 32 20.73 -1.61 -4.91
N ARG A 33 20.14 -2.30 -5.87
CA ARG A 33 20.25 -1.91 -7.26
C ARG A 33 19.56 -0.60 -7.55
N GLY A 34 18.44 -0.35 -6.88
CA GLY A 34 17.69 0.87 -7.15
C GLY A 34 18.22 2.07 -6.39
N LEU A 35 19.19 1.84 -5.51
CA LEU A 35 19.78 2.92 -4.73
C LEU A 35 21.07 3.46 -5.36
N ARG A 36 21.78 2.63 -6.12
CA ARG A 36 22.98 3.08 -6.82
C ARG A 36 22.56 3.84 -8.06
N LEU A 37 23.35 4.83 -8.44
CA LEU A 37 23.03 5.65 -9.60
C LEU A 37 23.06 4.83 -10.89
N GLU A 38 23.99 3.88 -11.00
CA GLU A 38 24.20 3.15 -12.26
C GLU A 38 23.10 2.14 -12.63
N THR A 39 22.30 1.74 -11.65
CA THR A 39 21.24 0.79 -11.90
C THR A 39 19.87 1.34 -11.58
N HIS A 40 19.83 2.41 -10.79
CA HIS A 40 18.59 3.01 -10.33
C HIS A 40 17.55 3.15 -11.44
N GLU A 41 18.02 3.20 -12.69
CA GLU A 41 17.16 3.58 -13.79
C GLU A 41 16.31 2.39 -14.27
N GLU A 42 16.93 1.22 -14.34
CA GLU A 42 16.23 0.02 -14.78
C GLU A 42 15.99 -0.95 -13.63
N ALA A 43 16.34 -0.52 -12.42
CA ALA A 43 15.95 -1.26 -11.23
C ALA A 43 14.43 -1.39 -11.20
N SER A 44 13.93 -2.60 -11.02
CA SER A 44 12.50 -2.81 -10.92
C SER A 44 11.96 -2.25 -9.59
N VAL A 45 12.73 -2.44 -8.51
CA VAL A 45 12.45 -1.78 -7.25
C VAL A 45 13.07 -0.38 -7.23
N LYS A 46 12.24 0.63 -7.45
CA LYS A 46 12.73 1.97 -7.73
C LYS A 46 13.43 2.66 -6.56
N MET A 47 13.06 2.32 -5.33
CA MET A 47 13.81 2.82 -4.18
C MET A 47 13.89 4.35 -4.20
N LEU A 48 12.74 5.00 -3.99
CA LEU A 48 12.57 6.42 -4.27
C LEU A 48 12.75 7.30 -3.03
N PRO A 49 13.62 8.32 -3.16
CA PRO A 49 13.81 9.31 -2.09
C PRO A 49 12.54 10.10 -1.86
N THR A 50 12.11 10.18 -0.60
CA THR A 50 10.86 10.82 -0.25
C THR A 50 11.11 12.26 0.17
N TYR A 51 12.38 12.52 0.49
CA TYR A 51 12.85 13.79 1.05
C TYR A 51 12.40 14.08 2.47
N VAL A 52 11.75 13.12 3.12
CA VAL A 52 11.56 13.19 4.55
C VAL A 52 12.83 12.71 5.26
N ARG A 53 13.43 13.57 6.07
CA ARG A 53 14.79 13.32 6.49
C ARG A 53 14.97 13.14 7.97
N SER A 54 16.09 12.51 8.31
CA SER A 54 16.36 11.96 9.62
C SER A 54 16.05 12.96 10.71
N THR A 55 16.95 13.89 10.93
CA THR A 55 16.75 14.91 11.94
C THR A 55 15.94 16.08 11.40
N PRO A 56 14.65 16.15 11.75
CA PRO A 56 13.89 17.34 11.36
C PRO A 56 14.43 18.60 12.06
N GLU A 57 14.21 19.75 11.44
CA GLU A 57 14.67 21.02 11.99
C GLU A 57 13.81 21.45 13.18
N GLY A 58 12.54 21.70 12.93
CA GLY A 58 11.62 22.04 13.99
C GLY A 58 10.26 22.00 13.36
N SER A 59 9.21 22.04 14.18
CA SER A 59 7.88 21.86 13.67
C SER A 59 7.01 23.07 13.95
N GLU A 60 5.98 23.26 13.13
CA GLU A 60 4.98 24.32 13.36
C GLU A 60 3.73 23.70 14.01
N VAL A 61 2.99 24.49 14.79
CA VAL A 61 1.77 23.97 15.39
C VAL A 61 0.55 24.54 14.67
N GLY A 62 -0.64 24.06 15.04
CA GLY A 62 -1.87 24.50 14.39
C GLY A 62 -2.53 23.45 13.51
N ASP A 63 -3.69 23.78 12.96
CA ASP A 63 -4.42 22.84 12.09
C ASP A 63 -3.82 22.74 10.68
N PHE A 64 -3.84 21.55 10.11
CA PHE A 64 -3.41 21.32 8.73
C PHE A 64 -4.48 20.59 7.96
N LEU A 65 -4.51 20.78 6.65
CA LEU A 65 -5.46 20.09 5.80
C LEU A 65 -4.78 18.93 5.09
N SER A 66 -5.26 17.71 5.34
CA SER A 66 -4.64 16.50 4.80
C SER A 66 -5.49 15.83 3.73
N LEU A 67 -4.86 15.51 2.61
CA LEU A 67 -5.55 14.74 1.56
C LEU A 67 -4.99 13.33 1.45
N ASP A 68 -5.87 12.38 1.12
CA ASP A 68 -5.47 11.01 0.84
C ASP A 68 -6.11 10.55 -0.47
N LEU A 69 -5.27 10.29 -1.46
CA LEU A 69 -5.75 9.71 -2.71
C LEU A 69 -4.87 8.52 -3.09
N GLY A 70 -5.49 7.54 -3.74
CA GLY A 70 -4.80 6.30 -4.03
C GLY A 70 -5.54 5.14 -3.41
N GLY A 71 -6.44 5.47 -2.49
CA GLY A 71 -7.34 4.46 -1.95
C GLY A 71 -8.40 4.11 -2.98
N THR A 72 -9.42 3.40 -2.54
CA THR A 72 -10.57 3.13 -3.41
C THR A 72 -11.38 4.41 -3.44
N ASN A 73 -11.14 5.22 -2.42
CA ASN A 73 -11.95 6.40 -2.11
C ASN A 73 -11.00 7.56 -1.81
N PHE A 74 -11.39 8.76 -2.23
CA PHE A 74 -10.62 9.95 -1.89
C PHE A 74 -11.14 10.51 -0.57
N ARG A 75 -10.24 10.89 0.33
CA ARG A 75 -10.65 11.42 1.63
C ARG A 75 -10.07 12.81 1.90
N VAL A 76 -10.81 13.62 2.65
CA VAL A 76 -10.29 14.90 3.14
C VAL A 76 -10.51 15.02 4.65
N MET A 77 -9.50 15.49 5.36
CA MET A 77 -9.62 15.66 6.80
C MET A 77 -8.73 16.77 7.31
N LEU A 78 -9.17 17.39 8.40
CA LEU A 78 -8.43 18.46 9.05
C LEU A 78 -7.81 17.89 10.32
N VAL A 79 -6.51 18.06 10.47
CA VAL A 79 -5.85 17.59 11.69
C VAL A 79 -5.09 18.69 12.41
N LYS A 80 -5.25 18.73 13.73
CA LYS A 80 -4.54 19.67 14.57
C LYS A 80 -3.21 19.08 15.03
N VAL A 81 -2.21 19.93 15.26
CA VAL A 81 -0.86 19.50 15.62
C VAL A 81 -0.25 20.35 16.75
N GLY A 82 0.23 19.69 17.79
CA GLY A 82 0.85 20.39 18.90
C GLY A 82 2.15 19.75 19.30
N GLU A 83 2.54 19.91 20.55
CA GLU A 83 3.86 19.51 20.99
C GLU A 83 3.91 19.10 22.44
N GLY A 84 4.54 17.96 22.72
CA GLY A 84 4.56 17.53 24.10
C GLY A 84 5.67 16.58 24.49
N GLU A 85 6.59 17.09 25.29
CA GLU A 85 7.67 16.28 25.85
C GLU A 85 8.48 15.64 24.74
N GLU A 86 7.92 14.58 24.16
CA GLU A 86 8.44 14.07 22.91
C GLU A 86 7.57 14.45 21.72
N GLY A 87 8.25 14.88 20.67
CA GLY A 87 7.68 15.67 19.59
C GLY A 87 6.20 16.05 19.48
N GLN A 88 5.77 16.22 18.23
CA GLN A 88 4.41 16.65 17.95
C GLN A 88 3.39 15.58 18.34
N TRP A 89 2.22 16.02 18.80
CA TRP A 89 1.06 15.15 18.77
C TRP A 89 0.21 15.61 17.62
N SER A 90 -0.53 14.68 17.02
CA SER A 90 -1.51 15.02 15.99
C SER A 90 -2.84 14.32 16.24
N VAL A 91 -3.92 14.86 15.68
CA VAL A 91 -5.25 14.31 15.87
C VAL A 91 -6.24 14.81 14.85
N LYS A 92 -6.83 13.90 14.09
CA LYS A 92 -7.89 14.23 13.15
C LYS A 92 -9.06 14.81 13.93
N THR A 93 -9.55 15.96 13.46
CA THR A 93 -10.64 16.66 14.14
C THR A 93 -11.90 16.71 13.29
N LYS A 94 -11.74 16.68 11.98
CA LYS A 94 -12.87 16.61 11.05
C LYS A 94 -12.45 15.95 9.75
N HIS A 95 -13.39 15.31 9.07
CA HIS A 95 -13.06 14.45 7.93
C HIS A 95 -14.30 14.16 7.07
N GLN A 96 -14.07 13.56 5.90
CA GLN A 96 -15.16 13.31 4.94
C GLN A 96 -14.62 12.53 3.74
N MET A 97 -15.34 11.49 3.32
CA MET A 97 -14.91 10.69 2.16
C MET A 97 -15.72 11.04 0.93
N TYR A 98 -15.14 10.83 -0.24
CA TYR A 98 -15.82 11.14 -1.50
C TYR A 98 -15.53 10.05 -2.55
N SER A 99 -16.57 9.34 -2.96
CA SER A 99 -16.42 8.26 -3.93
C SER A 99 -15.82 8.76 -5.24
N ILE A 100 -15.07 7.91 -5.92
CA ILE A 100 -14.39 8.30 -7.15
C ILE A 100 -15.20 7.85 -8.34
N PRO A 101 -15.80 8.81 -9.06
CA PRO A 101 -16.63 8.59 -10.26
C PRO A 101 -15.86 7.90 -11.40
N GLU A 102 -16.61 7.32 -12.32
CA GLU A 102 -16.01 6.70 -13.50
C GLU A 102 -15.55 7.77 -14.50
N ASP A 103 -16.26 8.89 -14.54
CA ASP A 103 -15.92 9.98 -15.46
C ASP A 103 -14.66 10.74 -15.02
N ALA A 104 -14.19 10.46 -13.81
CA ALA A 104 -12.97 11.06 -13.29
C ALA A 104 -11.78 10.18 -13.63
N MET A 105 -11.98 8.87 -13.51
CA MET A 105 -10.92 7.89 -13.71
C MET A 105 -10.60 7.66 -15.20
N THR A 106 -11.59 7.90 -16.06
CA THR A 106 -11.40 7.74 -17.51
C THR A 106 -10.87 9.04 -18.12
N GLY A 107 -11.39 10.17 -17.64
CA GLY A 107 -11.07 11.45 -18.22
C GLY A 107 -9.60 11.81 -18.09
N THR A 108 -9.31 13.09 -18.01
CA THR A 108 -7.93 13.55 -17.88
C THR A 108 -7.56 13.82 -16.44
N ALA A 109 -6.26 13.80 -16.16
CA ALA A 109 -5.73 14.20 -14.87
C ALA A 109 -6.40 15.50 -14.45
N GLU A 110 -6.59 16.38 -15.43
CA GLU A 110 -7.18 17.70 -15.20
C GLU A 110 -8.59 17.57 -14.64
N MET A 111 -9.34 16.60 -15.16
CA MET A 111 -10.71 16.39 -14.72
C MET A 111 -10.74 15.78 -13.33
N LEU A 112 -9.93 14.75 -13.14
CA LEU A 112 -9.79 14.13 -11.83
C LEU A 112 -9.57 15.20 -10.75
N PHE A 113 -8.58 16.06 -10.98
CA PHE A 113 -8.20 16.99 -9.93
C PHE A 113 -9.21 18.09 -9.66
N ASP A 114 -9.98 18.46 -10.67
CA ASP A 114 -11.06 19.41 -10.44
C ASP A 114 -12.07 18.76 -9.51
N TYR A 115 -12.41 17.50 -9.81
CA TYR A 115 -13.32 16.76 -8.95
C TYR A 115 -12.78 16.80 -7.53
N ILE A 116 -11.48 16.62 -7.38
CA ILE A 116 -10.84 16.74 -6.07
C ILE A 116 -10.99 18.17 -5.55
N SER A 117 -10.80 19.14 -6.43
CA SER A 117 -10.95 20.55 -6.07
C SER A 117 -12.34 20.79 -5.52
N GLU A 118 -13.32 20.14 -6.15
CA GLU A 118 -14.70 20.26 -5.70
C GLU A 118 -14.88 19.68 -4.30
N CYS A 119 -14.55 18.41 -4.13
CA CYS A 119 -14.72 17.74 -2.85
C CYS A 119 -14.01 18.54 -1.77
N ILE A 120 -12.88 19.15 -2.13
CA ILE A 120 -12.13 19.98 -1.19
C ILE A 120 -12.91 21.22 -0.81
N SER A 121 -13.69 21.75 -1.76
CA SER A 121 -14.56 22.89 -1.45
C SER A 121 -15.85 22.44 -0.75
N ASP A 122 -16.45 21.34 -1.21
CA ASP A 122 -17.60 20.76 -0.54
C ASP A 122 -17.29 20.60 0.94
N PHE A 123 -16.14 19.99 1.22
CA PHE A 123 -15.70 19.80 2.60
C PHE A 123 -15.66 21.13 3.36
N LEU A 124 -14.94 22.11 2.79
CA LEU A 124 -14.73 23.42 3.42
C LEU A 124 -16.05 24.14 3.68
N ASP A 125 -17.05 23.83 2.86
CA ASP A 125 -18.39 24.31 3.13
C ASP A 125 -18.85 23.71 4.45
N LYS A 126 -19.13 22.42 4.44
CA LYS A 126 -19.76 21.75 5.57
C LYS A 126 -19.14 22.09 6.94
N HIS A 127 -17.90 22.57 6.93
CA HIS A 127 -17.24 22.93 8.18
C HIS A 127 -16.85 24.40 8.21
N GLN A 128 -17.54 25.19 7.39
CA GLN A 128 -17.25 26.62 7.24
C GLN A 128 -15.79 26.93 7.53
N MET A 129 -14.95 26.75 6.51
CA MET A 129 -13.53 27.04 6.66
C MET A 129 -12.96 27.52 5.34
N LYS A 130 -13.82 27.60 4.33
CA LYS A 130 -13.40 27.97 2.98
C LYS A 130 -12.65 29.30 2.97
N HIS A 131 -12.85 30.10 4.00
CA HIS A 131 -12.24 31.41 4.07
C HIS A 131 -10.79 31.39 4.58
N LYS A 132 -10.34 30.25 5.10
CA LYS A 132 -8.98 30.16 5.63
C LYS A 132 -8.02 29.51 4.65
N LYS A 133 -6.72 29.73 4.87
CA LYS A 133 -5.68 29.13 4.04
C LYS A 133 -4.69 28.41 4.95
N LEU A 134 -4.79 27.08 5.00
CA LEU A 134 -3.91 26.29 5.86
C LEU A 134 -2.88 25.52 5.06
N PRO A 135 -1.82 25.03 5.73
CA PRO A 135 -0.87 24.16 5.05
C PRO A 135 -1.62 22.90 4.65
N LEU A 136 -1.33 22.39 3.46
CA LEU A 136 -2.02 21.21 2.96
C LEU A 136 -1.03 20.07 2.73
N GLY A 137 -1.23 18.98 3.48
CA GLY A 137 -0.46 17.77 3.24
C GLY A 137 -1.17 16.83 2.29
N PHE A 138 -0.44 16.28 1.34
CA PHE A 138 -1.05 15.42 0.35
C PHE A 138 -0.43 14.02 0.41
N THR A 139 -1.21 13.04 0.88
CA THR A 139 -0.76 11.66 0.78
C THR A 139 -1.24 11.07 -0.55
N PHE A 140 -0.28 10.72 -1.39
CA PHE A 140 -0.57 10.31 -2.75
C PHE A 140 0.05 8.92 -2.97
N SER A 141 -0.79 7.90 -2.91
CA SER A 141 -0.34 6.51 -2.86
C SER A 141 0.06 5.95 -4.24
N PHE A 142 0.99 6.64 -4.92
CA PHE A 142 1.53 6.16 -6.20
C PHE A 142 3.04 6.41 -6.31
N PRO A 143 3.70 5.69 -7.22
CA PRO A 143 5.15 5.89 -7.39
C PRO A 143 5.44 7.30 -7.87
N VAL A 144 6.18 8.05 -7.07
CA VAL A 144 6.52 9.43 -7.41
C VAL A 144 8.01 9.64 -7.32
N ARG A 145 8.58 10.26 -8.36
CA ARG A 145 9.97 10.74 -8.31
C ARG A 145 10.03 12.14 -7.73
N HIS A 146 10.42 12.25 -6.46
CA HIS A 146 10.44 13.51 -5.75
C HIS A 146 11.64 14.35 -6.13
N GLU A 147 11.41 15.65 -6.36
CA GLU A 147 12.52 16.60 -6.46
C GLU A 147 12.71 17.26 -5.11
N ASP A 148 11.63 17.38 -4.35
CA ASP A 148 11.72 17.87 -2.99
C ASP A 148 10.45 17.48 -2.22
N ILE A 149 10.42 17.79 -0.94
CA ILE A 149 9.34 17.32 -0.09
C ILE A 149 7.97 17.74 -0.62
N ASP A 150 7.98 18.70 -1.53
CA ASP A 150 6.74 19.23 -2.12
C ASP A 150 6.82 19.28 -3.64
N LYS A 151 7.74 18.51 -4.21
CA LYS A 151 7.93 18.48 -5.66
C LYS A 151 8.14 17.03 -6.14
N GLY A 152 7.34 16.60 -7.11
CA GLY A 152 7.56 15.29 -7.71
C GLY A 152 6.55 14.88 -8.76
N ILE A 153 7.00 14.12 -9.74
CA ILE A 153 6.15 13.71 -10.86
C ILE A 153 5.66 12.28 -10.70
N LEU A 154 4.49 12.01 -11.27
CA LEU A 154 3.95 10.67 -11.30
C LEU A 154 4.75 9.79 -12.25
N LEU A 155 5.33 8.70 -11.74
CA LEU A 155 6.07 7.77 -12.59
C LEU A 155 5.15 6.91 -13.45
N ASN A 156 4.04 6.49 -12.86
CA ASN A 156 3.01 5.75 -13.59
C ASN A 156 1.94 5.31 -12.60
N TRP A 157 0.73 5.07 -13.09
CA TRP A 157 -0.37 4.66 -12.23
C TRP A 157 -0.24 3.20 -11.84
N THR A 158 -0.78 2.87 -10.67
CA THR A 158 -0.86 1.49 -10.21
C THR A 158 -2.27 1.28 -9.70
N LYS A 159 -2.59 0.06 -9.30
CA LYS A 159 -3.85 -0.20 -8.60
C LYS A 159 -5.07 0.02 -9.47
N GLY A 160 -4.90 0.54 -10.68
CA GLY A 160 -6.01 0.60 -11.62
C GLY A 160 -6.57 1.99 -11.87
N PHE A 161 -5.77 3.02 -11.61
CA PHE A 161 -6.09 4.38 -12.01
C PHE A 161 -5.61 4.60 -13.44
N LYS A 162 -6.34 5.40 -14.20
CA LYS A 162 -5.99 5.61 -15.60
C LYS A 162 -5.82 7.08 -16.01
N ALA A 163 -6.57 7.97 -15.35
CA ALA A 163 -6.54 9.40 -15.66
C ALA A 163 -5.41 9.79 -16.63
N SER A 164 -5.78 10.28 -17.81
CA SER A 164 -4.85 10.41 -18.93
C SER A 164 -3.99 11.66 -18.84
N GLY A 165 -2.80 11.58 -19.43
CA GLY A 165 -1.87 12.69 -19.37
C GLY A 165 -1.60 13.13 -17.96
N ALA A 166 -1.40 12.16 -17.05
CA ALA A 166 -0.95 12.46 -15.69
C ALA A 166 0.49 11.98 -15.46
N GLU A 167 0.82 10.80 -16.00
CA GLU A 167 2.16 10.29 -15.89
C GLU A 167 3.14 11.33 -16.43
N GLY A 168 4.26 11.53 -15.75
CA GLY A 168 5.30 12.40 -16.27
C GLY A 168 5.22 13.81 -15.73
N ASN A 169 4.11 14.16 -15.11
CA ASN A 169 3.90 15.53 -14.66
C ASN A 169 4.00 15.68 -13.14
N ASN A 170 4.23 16.92 -12.69
CA ASN A 170 4.27 17.21 -11.26
C ASN A 170 2.87 17.12 -10.69
N VAL A 171 2.72 16.31 -9.64
CA VAL A 171 1.41 16.07 -9.03
C VAL A 171 0.96 17.28 -8.23
N VAL A 172 1.85 17.76 -7.35
CA VAL A 172 1.57 18.92 -6.51
C VAL A 172 1.16 20.11 -7.38
N GLY A 173 1.84 20.27 -8.51
CA GLY A 173 1.43 21.29 -9.46
C GLY A 173 -0.04 21.16 -9.78
N LEU A 174 -0.40 20.04 -10.43
CA LEU A 174 -1.77 19.78 -10.86
C LEU A 174 -2.77 20.09 -9.76
N LEU A 175 -2.41 19.77 -8.53
CA LEU A 175 -3.31 20.07 -7.42
C LEU A 175 -3.57 21.58 -7.39
N ARG A 176 -2.51 22.37 -7.38
CA ARG A 176 -2.63 23.81 -7.41
C ARG A 176 -3.37 24.27 -8.66
N ASP A 177 -3.00 23.70 -9.81
CA ASP A 177 -3.66 24.03 -11.06
C ASP A 177 -5.17 23.99 -10.88
N ALA A 178 -5.65 22.97 -10.17
CA ALA A 178 -7.08 22.76 -10.03
C ALA A 178 -7.71 23.72 -9.02
N ILE A 179 -6.93 24.12 -8.02
CA ILE A 179 -7.41 25.06 -7.00
C ILE A 179 -7.57 26.46 -7.58
N LYS A 180 -6.68 26.81 -8.52
CA LYS A 180 -6.78 28.10 -9.22
C LYS A 180 -7.92 28.04 -10.23
N ARG A 181 -8.17 26.87 -10.81
CA ARG A 181 -9.38 26.62 -11.58
C ARG A 181 -10.61 26.61 -10.68
N ARG A 182 -10.66 27.54 -9.73
CA ARG A 182 -11.76 27.64 -8.78
C ARG A 182 -11.82 29.04 -8.19
N GLY A 183 -10.68 29.53 -7.73
CA GLY A 183 -10.63 30.80 -7.02
C GLY A 183 -11.40 30.73 -5.71
N ASP A 184 -12.17 29.66 -5.56
CA ASP A 184 -13.05 29.44 -4.42
C ASP A 184 -12.29 29.51 -3.09
N PHE A 185 -11.04 29.07 -3.10
CA PHE A 185 -10.21 29.09 -1.92
C PHE A 185 -8.72 29.08 -2.27
N GLU A 186 -7.88 29.23 -1.24
CA GLU A 186 -6.44 29.10 -1.40
C GLU A 186 -5.91 28.10 -0.39
N MET A 187 -4.83 27.41 -0.76
CA MET A 187 -4.17 26.45 0.12
C MET A 187 -2.67 26.39 -0.21
N ASP A 188 -1.85 26.42 0.83
CA ASP A 188 -0.40 26.35 0.66
C ASP A 188 0.04 24.89 0.76
N VAL A 189 0.28 24.25 -0.40
CA VAL A 189 0.64 22.83 -0.46
C VAL A 189 2.11 22.59 -0.11
N VAL A 190 2.34 22.08 1.10
CA VAL A 190 3.68 22.08 1.65
C VAL A 190 4.39 20.72 1.59
N ALA A 191 3.64 19.63 1.62
CA ALA A 191 4.24 18.29 1.58
C ALA A 191 3.39 17.27 0.80
N MET A 192 4.03 16.52 -0.09
CA MET A 192 3.41 15.38 -0.76
C MET A 192 4.13 14.09 -0.34
N VAL A 193 3.41 13.16 0.30
CA VAL A 193 4.01 11.94 0.81
C VAL A 193 3.28 10.67 0.38
N ASN A 194 4.02 9.56 0.35
CA ASN A 194 3.45 8.23 0.08
C ASN A 194 2.75 7.73 1.35
N ASP A 195 1.66 6.96 1.18
CA ASP A 195 0.98 6.37 2.34
C ASP A 195 1.91 5.52 3.24
N THR A 196 2.83 4.78 2.63
CA THR A 196 3.79 4.04 3.44
C THR A 196 4.44 5.05 4.36
N VAL A 197 4.85 6.17 3.78
CA VAL A 197 5.58 7.18 4.52
C VAL A 197 4.71 7.94 5.53
N ALA A 198 3.53 8.35 5.09
CA ALA A 198 2.58 8.96 6.01
C ALA A 198 2.42 8.08 7.24
N THR A 199 2.44 6.76 7.04
CA THR A 199 2.15 5.83 8.13
C THR A 199 3.31 5.67 9.10
N MET A 200 4.52 5.63 8.56
CA MET A 200 5.70 5.55 9.40
C MET A 200 5.76 6.74 10.35
N ILE A 201 5.49 7.93 9.81
CA ILE A 201 5.60 9.17 10.56
C ILE A 201 4.54 9.25 11.65
N SER A 202 3.33 8.83 11.31
CA SER A 202 2.28 8.85 12.31
C SER A 202 2.67 7.99 13.50
N CYS A 203 3.60 7.05 13.27
CA CYS A 203 3.87 6.03 14.27
C CYS A 203 5.13 6.30 15.05
N TYR A 204 6.09 6.96 14.39
CA TYR A 204 7.31 7.45 15.04
C TYR A 204 7.00 8.18 16.35
N TYR A 205 5.97 9.02 16.34
CA TYR A 205 5.68 9.85 17.51
C TYR A 205 5.21 8.98 18.68
N GLU A 206 4.62 7.84 18.34
CA GLU A 206 4.23 6.82 19.30
C GLU A 206 5.45 6.02 19.76
N ASP A 207 6.17 5.45 18.79
CA ASP A 207 7.41 4.75 19.06
C ASP A 207 8.53 5.38 18.22
N HIS A 208 9.47 6.06 18.89
CA HIS A 208 10.57 6.72 18.19
C HIS A 208 11.38 5.76 17.34
N GLN A 209 11.27 4.48 17.66
CA GLN A 209 12.01 3.43 16.95
C GLN A 209 11.32 3.01 15.65
N CYS A 210 10.13 3.56 15.40
CA CYS A 210 9.37 3.22 14.21
C CYS A 210 10.09 3.79 12.98
N GLU A 211 10.67 2.90 12.18
CA GLU A 211 11.48 3.33 11.06
C GLU A 211 11.08 2.68 9.74
N VAL A 212 9.95 1.97 9.77
CA VAL A 212 9.40 1.37 8.56
C VAL A 212 7.90 1.67 8.46
N GLY A 213 7.43 1.83 7.24
CA GLY A 213 6.01 1.94 7.01
C GLY A 213 5.63 0.92 5.95
N MET A 214 4.74 0.01 6.31
CA MET A 214 4.31 -1.00 5.35
C MET A 214 2.81 -0.86 5.17
N ILE A 215 2.37 -0.87 3.92
CA ILE A 215 0.95 -0.90 3.61
C ILE A 215 0.60 -2.23 2.93
N VAL A 216 -0.34 -2.96 3.51
CA VAL A 216 -0.92 -4.13 2.85
C VAL A 216 -2.43 -3.97 2.73
N GLY A 217 -2.85 -3.21 1.72
CA GLY A 217 -4.26 -2.96 1.49
C GLY A 217 -4.54 -3.28 0.04
N THR A 218 -5.16 -2.37 -0.69
CA THR A 218 -5.48 -2.63 -2.10
C THR A 218 -4.19 -2.84 -2.88
N GLY A 219 -3.17 -2.06 -2.54
CA GLY A 219 -1.84 -2.36 -3.01
C GLY A 219 -0.97 -2.85 -1.87
N CYS A 220 0.32 -3.03 -2.16
CA CYS A 220 1.27 -3.45 -1.14
C CYS A 220 2.61 -2.76 -1.37
N ASN A 221 3.08 -2.01 -0.38
CA ASN A 221 4.31 -1.26 -0.53
C ASN A 221 4.94 -1.08 0.84
N ALA A 222 6.24 -0.76 0.87
CA ALA A 222 6.88 -0.44 2.13
C ALA A 222 7.92 0.69 2.00
N CYS A 223 8.20 1.37 3.11
CA CYS A 223 9.21 2.44 3.14
C CYS A 223 9.99 2.42 4.46
N TYR A 224 11.27 2.76 4.38
CA TYR A 224 12.16 2.63 5.53
C TYR A 224 13.16 3.79 5.56
N MET A 225 13.83 3.99 6.70
CA MET A 225 14.83 5.04 6.82
C MET A 225 16.19 4.49 6.41
N GLU A 226 16.82 5.15 5.45
CA GLU A 226 18.06 4.70 4.85
C GLU A 226 19.21 5.66 5.15
N GLU A 227 20.43 5.18 5.12
CA GLU A 227 21.59 6.04 5.27
C GLU A 227 21.75 6.92 4.03
N MET A 228 21.92 8.23 4.23
CA MET A 228 22.00 9.16 3.10
C MET A 228 23.16 8.87 2.15
N GLN A 229 24.25 8.32 2.68
CA GLN A 229 25.38 8.00 1.82
C GLN A 229 25.00 6.85 0.91
N ASN A 230 23.94 6.15 1.26
CA ASN A 230 23.47 5.07 0.42
C ASN A 230 22.47 5.57 -0.60
N VAL A 231 21.92 6.76 -0.37
CA VAL A 231 20.96 7.35 -1.30
C VAL A 231 21.72 8.21 -2.31
N GLU A 232 22.13 7.58 -3.41
CA GLU A 232 23.04 8.21 -4.33
C GLU A 232 22.28 9.20 -5.20
N LEU A 233 20.98 8.97 -5.38
CA LEU A 233 20.19 9.85 -6.22
C LEU A 233 19.94 11.18 -5.51
N VAL A 234 20.28 11.22 -4.23
CA VAL A 234 20.26 12.47 -3.49
C VAL A 234 21.63 12.78 -2.94
N GLU A 235 22.06 14.04 -3.14
CA GLU A 235 23.33 14.55 -2.63
C GLU A 235 23.35 14.68 -1.11
N GLY A 236 24.43 14.20 -0.51
CA GLY A 236 24.54 14.21 0.95
C GLY A 236 24.89 12.85 1.52
N ASP A 237 25.50 12.84 2.71
CA ASP A 237 25.96 11.60 3.35
C ASP A 237 25.58 11.52 4.82
N GLU A 238 25.19 12.63 5.42
CA GLU A 238 24.85 12.59 6.82
C GLU A 238 23.37 12.40 7.04
N GLY A 239 23.03 11.68 8.10
CA GLY A 239 21.65 11.45 8.45
C GLY A 239 20.99 10.37 7.61
N ARG A 240 19.66 10.32 7.70
CA ARG A 240 18.91 9.33 6.97
C ARG A 240 17.72 9.94 6.20
N MET A 241 17.50 9.47 4.99
CA MET A 241 16.29 9.84 4.29
C MET A 241 15.37 8.64 4.15
N CYS A 242 14.09 8.85 4.38
CA CYS A 242 13.09 7.83 4.08
C CYS A 242 13.05 7.55 2.57
N VAL A 243 12.97 6.28 2.23
CA VAL A 243 12.96 5.79 0.85
C VAL A 243 11.71 4.96 0.60
N ASN A 244 10.85 5.44 -0.30
CA ASN A 244 9.72 4.65 -0.78
C ASN A 244 10.25 3.58 -1.73
N THR A 245 10.15 2.31 -1.33
CA THR A 245 10.74 1.22 -2.10
C THR A 245 9.93 0.97 -3.35
N GLU A 246 8.62 1.14 -3.22
CA GLU A 246 7.69 0.80 -4.29
C GLU A 246 7.90 -0.66 -4.68
N TRP A 247 8.09 -1.52 -3.68
CA TRP A 247 8.50 -2.90 -3.91
C TRP A 247 7.44 -3.72 -4.61
N GLY A 248 6.24 -3.15 -4.74
CA GLY A 248 5.19 -3.84 -5.47
C GLY A 248 5.62 -4.15 -6.90
N ALA A 249 6.64 -3.43 -7.37
CA ALA A 249 7.10 -3.62 -8.74
C ALA A 249 8.17 -4.71 -8.77
N PHE A 250 8.49 -5.24 -7.60
CA PHE A 250 9.41 -6.38 -7.50
C PHE A 250 8.95 -7.49 -8.46
N GLY A 251 9.89 -8.10 -9.15
CA GLY A 251 9.52 -9.17 -10.06
C GLY A 251 9.21 -8.70 -11.47
N ASP A 252 9.10 -7.39 -11.67
CA ASP A 252 8.89 -6.87 -13.01
C ASP A 252 10.08 -7.19 -13.92
N SER A 253 11.28 -7.29 -13.34
CA SER A 253 12.45 -7.74 -14.10
C SER A 253 12.46 -9.27 -14.23
N GLY A 254 11.40 -9.91 -13.76
CA GLY A 254 11.30 -11.35 -13.86
C GLY A 254 11.96 -12.14 -12.75
N GLU A 255 11.93 -11.60 -11.53
CA GLU A 255 12.62 -12.23 -10.39
C GLU A 255 11.69 -13.19 -9.65
N LEU A 256 10.42 -13.21 -10.04
CA LEU A 256 9.44 -14.07 -9.39
C LEU A 256 9.00 -15.23 -10.28
N ASP A 257 9.50 -15.26 -11.50
CA ASP A 257 8.94 -16.11 -12.55
C ASP A 257 8.83 -17.57 -12.16
N GLU A 258 9.78 -18.04 -11.37
CA GLU A 258 9.77 -19.42 -10.92
C GLU A 258 8.66 -19.69 -9.90
N PHE A 259 8.03 -18.63 -9.42
CA PHE A 259 6.94 -18.76 -8.44
C PHE A 259 5.59 -18.37 -9.03
N LEU A 260 5.58 -17.79 -10.22
CA LEU A 260 4.31 -17.31 -10.75
C LEU A 260 3.47 -18.48 -11.27
N LEU A 261 2.27 -18.61 -10.74
CA LEU A 261 1.31 -19.62 -11.17
C LEU A 261 0.49 -19.13 -12.36
N GLU A 262 -0.23 -20.04 -13.00
CA GLU A 262 -1.06 -19.69 -14.15
C GLU A 262 -2.10 -18.63 -13.75
N TYR A 263 -2.55 -18.69 -12.51
CA TYR A 263 -3.58 -17.77 -12.03
C TYR A 263 -3.00 -16.37 -11.90
N ASP A 264 -1.69 -16.30 -11.74
CA ASP A 264 -1.02 -15.01 -11.65
C ASP A 264 -0.83 -14.43 -13.04
N ARG A 265 -0.55 -15.32 -13.99
CA ARG A 265 -0.34 -14.91 -15.37
C ARG A 265 -1.65 -14.35 -15.92
N LEU A 266 -2.75 -15.00 -15.56
CA LEU A 266 -4.06 -14.59 -16.04
C LEU A 266 -4.49 -13.23 -15.47
N VAL A 267 -4.34 -13.06 -14.17
CA VAL A 267 -4.70 -11.79 -13.52
C VAL A 267 -3.90 -10.64 -14.11
N ASP A 268 -2.62 -10.89 -14.32
CA ASP A 268 -1.71 -9.91 -14.89
C ASP A 268 -2.13 -9.52 -16.30
N GLU A 269 -2.42 -10.52 -17.13
CA GLU A 269 -2.87 -10.28 -18.50
C GLU A 269 -4.06 -9.32 -18.58
N SER A 270 -5.04 -9.50 -17.69
CA SER A 270 -6.29 -8.75 -17.78
C SER A 270 -6.27 -7.46 -16.96
N SER A 271 -5.15 -7.20 -16.30
CA SER A 271 -5.03 -6.05 -15.41
C SER A 271 -4.81 -4.75 -16.17
N ALA A 272 -5.08 -3.63 -15.51
CA ALA A 272 -4.84 -2.30 -16.10
C ALA A 272 -3.36 -2.03 -16.36
N ASN A 273 -2.50 -2.99 -16.05
CA ASN A 273 -1.06 -2.78 -16.15
C ASN A 273 -0.33 -4.10 -16.25
N PRO A 274 -0.43 -4.74 -17.42
CA PRO A 274 0.27 -6.01 -17.66
C PRO A 274 1.76 -5.85 -17.39
N GLY A 275 2.37 -6.89 -16.86
CA GLY A 275 3.80 -6.88 -16.64
C GLY A 275 4.26 -5.96 -15.52
N GLN A 276 3.32 -5.40 -14.76
CA GLN A 276 3.69 -4.46 -13.73
C GLN A 276 3.06 -4.74 -12.36
N GLN A 277 3.79 -4.38 -11.30
CA GLN A 277 3.36 -4.65 -9.94
C GLN A 277 3.12 -6.14 -9.75
N LEU A 278 4.08 -6.95 -10.20
CA LEU A 278 3.94 -8.40 -10.15
C LEU A 278 3.95 -8.91 -8.73
N TYR A 279 4.83 -8.33 -7.91
CA TYR A 279 4.91 -8.73 -6.52
C TYR A 279 3.63 -8.32 -5.82
N GLU A 280 3.14 -7.14 -6.17
CA GLU A 280 1.94 -6.60 -5.56
C GLU A 280 0.72 -7.50 -5.86
N LYS A 281 0.74 -8.13 -7.01
CA LYS A 281 -0.40 -8.92 -7.45
C LYS A 281 -0.45 -10.29 -6.76
N LEU A 282 0.57 -10.63 -5.98
CA LEU A 282 0.54 -11.83 -5.17
C LEU A 282 -0.07 -11.54 -3.80
N ILE A 283 -0.23 -10.26 -3.49
CA ILE A 283 -0.52 -9.86 -2.12
C ILE A 283 -1.68 -8.87 -2.02
N GLY A 284 -1.71 -7.90 -2.94
CA GLY A 284 -2.60 -6.76 -2.83
C GLY A 284 -4.06 -7.15 -2.73
N GLY A 285 -4.89 -6.21 -2.30
CA GLY A 285 -6.31 -6.47 -2.18
C GLY A 285 -7.03 -6.30 -3.51
N LYS A 286 -6.48 -5.45 -4.37
CA LYS A 286 -7.03 -5.30 -5.69
C LYS A 286 -7.08 -6.67 -6.35
N TYR A 287 -6.16 -7.55 -5.97
CA TYR A 287 -5.89 -8.73 -6.76
C TYR A 287 -6.21 -10.07 -6.10
N MET A 288 -6.31 -10.09 -4.77
CA MET A 288 -6.44 -11.35 -4.05
C MET A 288 -7.75 -12.08 -4.36
N GLY A 289 -8.87 -11.37 -4.19
CA GLY A 289 -10.16 -11.96 -4.51
C GLY A 289 -10.19 -12.51 -5.92
N GLU A 290 -9.44 -11.87 -6.81
CA GLU A 290 -9.43 -12.31 -8.19
C GLU A 290 -8.65 -13.62 -8.33
N LEU A 291 -7.56 -13.73 -7.57
CA LEU A 291 -6.77 -14.96 -7.58
C LEU A 291 -7.62 -16.13 -7.10
N VAL A 292 -8.37 -15.91 -6.02
CA VAL A 292 -9.28 -16.93 -5.56
C VAL A 292 -10.25 -17.31 -6.66
N ARG A 293 -10.93 -16.30 -7.23
CA ARG A 293 -11.91 -16.55 -8.28
C ARG A 293 -11.33 -17.45 -9.37
N LEU A 294 -10.16 -17.09 -9.87
CA LEU A 294 -9.52 -17.92 -10.87
C LEU A 294 -9.27 -19.33 -10.34
N VAL A 295 -8.85 -19.45 -9.10
CA VAL A 295 -8.61 -20.78 -8.54
C VAL A 295 -9.90 -21.60 -8.53
N LEU A 296 -10.99 -20.98 -8.10
CA LEU A 296 -12.27 -21.68 -8.03
C LEU A 296 -12.66 -22.12 -9.44
N LEU A 297 -12.59 -21.19 -10.39
CA LEU A 297 -12.98 -21.53 -11.76
C LEU A 297 -12.15 -22.67 -12.34
N ARG A 298 -10.88 -22.76 -11.97
CA ARG A 298 -10.08 -23.91 -12.39
C ARG A 298 -10.65 -25.17 -11.78
N LEU A 299 -11.14 -25.05 -10.55
CA LEU A 299 -11.58 -26.22 -9.80
C LEU A 299 -12.90 -26.79 -10.32
N VAL A 300 -13.75 -25.94 -10.87
CA VAL A 300 -15.00 -26.39 -11.47
C VAL A 300 -14.80 -26.92 -12.87
N ASP A 301 -13.72 -26.49 -13.52
CA ASP A 301 -13.43 -26.96 -14.87
C ASP A 301 -12.77 -28.32 -14.80
N GLU A 302 -12.44 -28.75 -13.59
CA GLU A 302 -11.95 -30.10 -13.34
C GLU A 302 -13.01 -30.89 -12.55
N ASN A 303 -14.27 -30.47 -12.69
CA ASN A 303 -15.41 -31.09 -12.00
C ASN A 303 -15.06 -31.50 -10.56
N LEU A 304 -14.63 -30.52 -9.77
CA LEU A 304 -14.24 -30.76 -8.39
C LEU A 304 -15.04 -29.88 -7.45
N LEU A 305 -15.93 -29.08 -8.03
CA LEU A 305 -16.59 -27.99 -7.31
C LEU A 305 -17.87 -27.57 -8.04
N PHE A 306 -18.89 -27.20 -7.30
CA PHE A 306 -20.15 -26.75 -7.90
C PHE A 306 -20.62 -27.69 -9.00
N HIS A 307 -20.35 -28.99 -8.86
CA HIS A 307 -20.84 -29.99 -9.81
C HIS A 307 -20.33 -29.73 -11.22
N GLY A 308 -19.26 -28.94 -11.33
CA GLY A 308 -18.70 -28.64 -12.63
C GLY A 308 -19.27 -27.37 -13.23
N GLU A 309 -20.37 -26.88 -12.67
CA GLU A 309 -21.07 -25.73 -13.24
C GLU A 309 -20.79 -24.41 -12.53
N ALA A 310 -20.08 -23.52 -13.21
CA ALA A 310 -19.76 -22.20 -12.68
C ALA A 310 -20.92 -21.23 -12.84
N SER A 311 -21.11 -20.39 -11.83
CA SER A 311 -22.12 -19.34 -11.88
C SER A 311 -21.89 -18.33 -13.01
N GLU A 312 -22.86 -17.44 -13.19
CA GLU A 312 -22.75 -16.40 -14.19
C GLU A 312 -21.76 -15.34 -13.70
N GLN A 313 -21.91 -14.98 -12.43
CA GLN A 313 -21.05 -13.98 -11.79
C GLN A 313 -19.69 -14.57 -11.48
N LEU A 314 -19.67 -15.83 -11.07
CA LEU A 314 -18.41 -16.45 -10.73
C LEU A 314 -17.48 -16.37 -11.92
N ARG A 315 -18.08 -16.17 -13.10
CA ARG A 315 -17.30 -16.17 -14.35
C ARG A 315 -16.89 -14.78 -14.85
N THR A 316 -17.50 -13.73 -14.31
CA THR A 316 -17.08 -12.35 -14.63
C THR A 316 -15.92 -11.86 -13.75
N ARG A 317 -14.94 -11.20 -14.37
CA ARG A 317 -13.79 -10.69 -13.62
C ARG A 317 -14.19 -9.86 -12.42
N GLY A 318 -13.41 -10.01 -11.34
CA GLY A 318 -13.57 -9.16 -10.17
C GLY A 318 -14.80 -9.47 -9.34
N ALA A 319 -15.59 -10.44 -9.78
CA ALA A 319 -16.82 -10.78 -9.11
C ALA A 319 -16.56 -11.27 -7.69
N PHE A 320 -15.40 -11.87 -7.48
CA PHE A 320 -15.03 -12.31 -6.14
C PHE A 320 -14.19 -11.24 -5.47
N GLU A 321 -14.81 -10.51 -4.54
CA GLU A 321 -14.18 -9.40 -3.84
C GLU A 321 -13.23 -9.89 -2.77
N THR A 322 -12.09 -9.21 -2.60
CA THR A 322 -11.15 -9.63 -1.58
C THR A 322 -11.85 -9.77 -0.23
N ARG A 323 -12.87 -8.94 0.00
CA ARG A 323 -13.49 -8.94 1.31
C ARG A 323 -14.33 -10.18 1.53
N PHE A 324 -14.59 -10.93 0.45
CA PHE A 324 -15.20 -12.24 0.58
C PHE A 324 -14.16 -13.18 1.17
N VAL A 325 -13.00 -13.24 0.52
CA VAL A 325 -11.90 -14.06 1.01
C VAL A 325 -11.78 -13.95 2.53
N SER A 326 -11.89 -12.73 3.05
CA SER A 326 -11.90 -12.58 4.50
C SER A 326 -13.08 -13.32 5.10
N GLN A 327 -14.29 -12.95 4.67
CA GLN A 327 -15.47 -13.52 5.27
C GLN A 327 -15.36 -15.02 5.29
N VAL A 328 -15.01 -15.61 4.14
CA VAL A 328 -14.88 -17.06 4.05
C VAL A 328 -13.98 -17.59 5.14
N GLU A 329 -12.82 -16.96 5.31
CA GLU A 329 -11.84 -17.41 6.29
C GLU A 329 -12.23 -17.04 7.71
N SER A 330 -13.44 -16.51 7.88
CA SER A 330 -13.93 -16.12 9.21
C SER A 330 -15.03 -17.05 9.68
N ASP A 331 -15.61 -17.78 8.73
CA ASP A 331 -16.69 -18.72 9.00
C ASP A 331 -16.35 -19.58 10.21
N THR A 332 -17.26 -19.63 11.17
CA THR A 332 -16.96 -20.26 12.47
C THR A 332 -16.79 -21.76 12.40
N GLY A 333 -17.10 -22.34 11.24
CA GLY A 333 -17.06 -23.79 11.09
C GLY A 333 -18.42 -24.35 10.76
N ASP A 334 -19.44 -23.49 10.81
CA ASP A 334 -20.81 -23.89 10.52
C ASP A 334 -21.16 -23.72 9.04
N ARG A 335 -20.30 -23.04 8.29
CA ARG A 335 -20.46 -22.85 6.84
C ARG A 335 -21.53 -21.85 6.36
N LYS A 336 -22.19 -21.18 7.30
CA LYS A 336 -23.24 -20.21 6.95
C LYS A 336 -22.65 -18.93 6.37
N GLN A 337 -21.48 -18.54 6.87
CA GLN A 337 -20.79 -17.38 6.37
C GLN A 337 -20.38 -17.63 4.92
N ILE A 338 -19.82 -18.81 4.67
CA ILE A 338 -19.38 -19.23 3.35
C ILE A 338 -20.55 -19.43 2.39
N TYR A 339 -21.65 -19.99 2.91
CA TYR A 339 -22.81 -20.25 2.07
C TYR A 339 -23.43 -18.98 1.51
N ASN A 340 -23.75 -18.04 2.41
CA ASN A 340 -24.40 -16.79 2.02
C ASN A 340 -23.61 -16.08 0.94
N ILE A 341 -22.28 -16.17 1.02
CA ILE A 341 -21.39 -15.52 0.07
C ILE A 341 -21.58 -16.10 -1.32
N LEU A 342 -21.41 -17.40 -1.43
CA LEU A 342 -21.56 -18.08 -2.71
C LEU A 342 -23.00 -17.96 -3.18
N SER A 343 -23.92 -17.89 -2.23
CA SER A 343 -25.33 -17.66 -2.51
C SER A 343 -25.52 -16.39 -3.31
N THR A 344 -24.93 -15.29 -2.84
CA THR A 344 -25.01 -13.99 -3.51
C THR A 344 -24.38 -14.02 -4.87
N LEU A 345 -23.44 -14.95 -5.06
CA LEU A 345 -22.77 -15.11 -6.35
C LEU A 345 -23.49 -16.08 -7.28
N GLY A 346 -24.68 -16.52 -6.90
CA GLY A 346 -25.49 -17.33 -7.78
C GLY A 346 -25.20 -18.82 -7.78
N LEU A 347 -24.60 -19.31 -6.70
CA LEU A 347 -24.26 -20.72 -6.59
C LEU A 347 -25.05 -21.37 -5.46
N ARG A 348 -25.14 -22.70 -5.48
CA ARG A 348 -25.70 -23.46 -4.37
C ARG A 348 -24.68 -24.47 -3.86
N PRO A 349 -23.76 -24.01 -2.99
CA PRO A 349 -22.65 -24.86 -2.56
C PRO A 349 -23.11 -26.07 -1.78
N SER A 350 -22.54 -27.23 -2.09
CA SER A 350 -22.73 -28.40 -1.22
C SER A 350 -21.89 -28.08 0.00
N THR A 351 -21.85 -29.00 0.96
CA THR A 351 -21.01 -28.80 2.13
C THR A 351 -19.54 -28.83 1.78
N THR A 352 -19.11 -29.83 1.04
CA THR A 352 -17.71 -29.93 0.68
C THR A 352 -17.30 -28.88 -0.37
N ASP A 353 -18.29 -28.27 -1.02
CA ASP A 353 -18.02 -27.13 -1.89
C ASP A 353 -17.48 -25.99 -1.04
N CYS A 354 -18.20 -25.70 0.03
CA CYS A 354 -17.81 -24.66 0.96
C CYS A 354 -16.42 -24.93 1.50
N ASP A 355 -16.17 -26.19 1.88
CA ASP A 355 -14.93 -26.55 2.53
C ASP A 355 -13.71 -26.39 1.61
N ILE A 356 -13.95 -26.53 0.32
CA ILE A 356 -12.92 -26.32 -0.68
C ILE A 356 -12.67 -24.82 -0.85
N VAL A 357 -13.75 -24.05 -0.99
CA VAL A 357 -13.61 -22.61 -1.12
C VAL A 357 -12.83 -22.02 0.05
N ARG A 358 -13.09 -22.52 1.25
CA ARG A 358 -12.28 -22.13 2.39
C ARG A 358 -10.82 -22.44 2.12
N ARG A 359 -10.56 -23.67 1.68
CA ARG A 359 -9.20 -24.12 1.42
C ARG A 359 -8.52 -23.28 0.32
N ALA A 360 -9.31 -22.86 -0.67
CA ALA A 360 -8.76 -22.07 -1.77
C ALA A 360 -8.33 -20.71 -1.26
N CYS A 361 -9.22 -20.02 -0.54
CA CYS A 361 -8.87 -18.76 0.09
C CYS A 361 -7.58 -18.92 0.89
N GLU A 362 -7.61 -19.78 1.91
CA GLU A 362 -6.44 -20.00 2.74
C GLU A 362 -5.16 -20.20 1.92
N SER A 363 -5.27 -20.91 0.81
CA SER A 363 -4.12 -21.12 -0.03
C SER A 363 -3.65 -19.78 -0.59
N VAL A 364 -4.57 -19.00 -1.15
CA VAL A 364 -4.20 -17.73 -1.75
C VAL A 364 -3.71 -16.72 -0.72
N SER A 365 -4.44 -16.55 0.37
CA SER A 365 -4.07 -15.51 1.30
C SER A 365 -2.80 -15.88 2.02
N THR A 366 -2.58 -17.16 2.27
CA THR A 366 -1.43 -17.54 3.05
C THR A 366 -0.17 -17.38 2.23
N ARG A 367 -0.28 -17.65 0.93
CA ARG A 367 0.84 -17.36 0.06
C ARG A 367 1.17 -15.88 0.19
N ALA A 368 0.13 -15.04 0.08
CA ALA A 368 0.27 -13.60 0.19
C ALA A 368 0.97 -13.19 1.47
N ALA A 369 0.52 -13.75 2.60
CA ALA A 369 1.15 -13.49 3.88
C ALA A 369 2.66 -13.75 3.84
N HIS A 370 3.08 -14.90 3.34
CA HIS A 370 4.47 -15.28 3.39
C HIS A 370 5.32 -14.50 2.41
N MET A 371 4.78 -14.37 1.20
CA MET A 371 5.43 -13.62 0.16
C MET A 371 5.75 -12.21 0.69
N CYS A 372 4.78 -11.61 1.38
CA CYS A 372 4.96 -10.30 1.98
C CYS A 372 6.05 -10.33 3.06
N SER A 373 5.99 -11.28 3.98
CA SER A 373 7.00 -11.37 5.04
C SER A 373 8.44 -11.46 4.50
N ALA A 374 8.64 -12.15 3.40
CA ALA A 374 9.96 -12.20 2.77
C ALA A 374 10.43 -10.77 2.49
N GLY A 375 9.56 -10.01 1.82
CA GLY A 375 9.80 -8.62 1.53
C GLY A 375 10.16 -7.77 2.74
N LEU A 376 9.29 -7.71 3.75
CA LEU A 376 9.63 -6.97 4.95
C LEU A 376 10.95 -7.47 5.52
N ALA A 377 11.10 -8.79 5.60
CA ALA A 377 12.28 -9.38 6.21
C ALA A 377 13.52 -8.87 5.51
N GLY A 378 13.40 -8.69 4.19
CA GLY A 378 14.55 -8.30 3.40
C GLY A 378 14.88 -6.84 3.60
N VAL A 379 13.87 -6.05 3.96
CA VAL A 379 14.09 -4.66 4.33
C VAL A 379 14.79 -4.67 5.68
N ILE A 380 14.16 -5.28 6.66
CA ILE A 380 14.73 -5.30 8.00
C ILE A 380 16.15 -5.87 8.06
N ASN A 381 16.42 -6.90 7.28
CA ASN A 381 17.79 -7.39 7.19
C ASN A 381 18.71 -6.30 6.68
N ARG A 382 18.30 -5.60 5.63
CA ARG A 382 19.15 -4.59 5.04
C ARG A 382 19.44 -3.47 6.03
N MET A 383 18.42 -3.04 6.76
CA MET A 383 18.63 -2.02 7.75
C MET A 383 19.60 -2.52 8.80
N ARG A 384 19.37 -3.73 9.29
CA ARG A 384 20.20 -4.33 10.31
C ARG A 384 21.66 -4.36 9.88
N GLU A 385 21.88 -4.36 8.57
CA GLU A 385 23.22 -4.52 8.02
C GLU A 385 24.03 -3.23 8.09
N SER A 386 23.40 -2.12 7.75
CA SER A 386 24.04 -0.81 7.86
C SER A 386 23.62 -0.18 9.17
N ARG A 387 24.08 -0.73 10.29
CA ARG A 387 23.58 -0.26 11.57
C ARG A 387 23.95 -1.11 12.78
N SER A 388 24.97 -0.68 13.53
CA SER A 388 25.19 -1.14 14.92
C SER A 388 24.81 -2.60 15.11
N GLU A 389 24.29 -2.92 16.29
CA GLU A 389 23.66 -4.23 16.54
C GLU A 389 23.85 -4.78 17.95
N ASP A 390 22.85 -5.55 18.37
CA ASP A 390 23.05 -6.78 19.13
C ASP A 390 21.79 -7.62 18.85
N VAL A 391 20.77 -7.43 19.67
CA VAL A 391 19.40 -7.67 19.26
C VAL A 391 18.83 -6.34 18.76
N MET A 392 18.97 -6.08 17.46
CA MET A 392 18.47 -4.83 16.90
C MET A 392 16.93 -4.77 16.95
N ARG A 393 16.42 -4.06 17.95
CA ARG A 393 14.98 -3.81 18.04
C ARG A 393 14.60 -2.85 16.92
N ILE A 394 13.35 -2.93 16.48
CA ILE A 394 12.86 -2.08 15.40
C ILE A 394 11.35 -2.14 15.33
N THR A 395 10.72 -1.01 15.04
CA THR A 395 9.27 -0.98 14.95
C THR A 395 8.78 -0.70 13.54
N VAL A 396 7.68 -1.35 13.18
CA VAL A 396 7.12 -1.25 11.85
C VAL A 396 5.69 -0.74 11.94
N GLY A 397 5.42 0.40 11.30
CA GLY A 397 4.07 0.93 11.26
C GLY A 397 3.33 0.32 10.10
N VAL A 398 2.15 -0.22 10.37
CA VAL A 398 1.43 -0.98 9.36
C VAL A 398 0.02 -0.46 9.12
N ASP A 399 -0.44 -0.57 7.88
CA ASP A 399 -1.81 -0.24 7.58
C ASP A 399 -2.31 -0.96 6.33
N GLY A 400 -3.63 -0.98 6.15
CA GLY A 400 -4.18 -1.64 4.98
C GLY A 400 -5.21 -2.69 5.35
N SER A 401 -6.30 -2.74 4.59
CA SER A 401 -7.40 -3.61 4.95
C SER A 401 -6.95 -5.07 5.07
N VAL A 402 -6.20 -5.56 4.07
CA VAL A 402 -5.78 -6.93 4.12
C VAL A 402 -5.09 -7.25 5.44
N TYR A 403 -4.19 -6.40 5.88
CA TYR A 403 -3.49 -6.64 7.14
C TYR A 403 -4.39 -6.56 8.36
N LYS A 404 -5.26 -5.55 8.37
CA LYS A 404 -6.04 -5.26 9.56
C LYS A 404 -7.31 -6.09 9.69
N LEU A 405 -7.86 -6.54 8.56
CA LEU A 405 -9.19 -7.13 8.56
C LEU A 405 -9.21 -8.60 8.21
N HIS A 406 -8.40 -9.01 7.25
CA HIS A 406 -8.39 -10.42 6.93
C HIS A 406 -7.98 -11.15 8.18
N PRO A 407 -8.82 -12.12 8.60
CA PRO A 407 -8.76 -12.69 9.96
C PRO A 407 -7.44 -13.27 10.38
N SER A 408 -6.66 -13.81 9.45
CA SER A 408 -5.46 -14.52 9.84
C SER A 408 -4.19 -14.10 9.13
N PHE A 409 -4.31 -13.21 8.16
CA PHE A 409 -3.15 -12.75 7.41
C PHE A 409 -2.12 -12.22 8.39
N LYS A 410 -2.60 -11.46 9.37
CA LYS A 410 -1.75 -10.80 10.33
C LYS A 410 -0.90 -11.82 11.08
N GLU A 411 -1.53 -12.86 11.61
CA GLU A 411 -0.83 -13.91 12.36
C GLU A 411 0.18 -14.64 11.49
N ARG A 412 -0.28 -15.09 10.34
CA ARG A 412 0.59 -15.81 9.43
C ARG A 412 1.78 -14.94 9.08
N PHE A 413 1.50 -13.66 8.84
CA PHE A 413 2.55 -12.71 8.45
C PHE A 413 3.59 -12.46 9.54
N HIS A 414 3.15 -12.22 10.78
CA HIS A 414 4.08 -11.98 11.87
C HIS A 414 5.00 -13.17 12.10
N ALA A 415 4.40 -14.35 12.18
CA ALA A 415 5.15 -15.57 12.39
C ALA A 415 6.26 -15.68 11.36
N SER A 416 5.91 -15.51 10.10
CA SER A 416 6.85 -15.78 9.04
C SER A 416 7.94 -14.72 9.01
N VAL A 417 7.58 -13.47 9.26
CA VAL A 417 8.58 -12.41 9.28
C VAL A 417 9.61 -12.78 10.34
N ARG A 418 9.13 -13.09 11.54
CA ARG A 418 10.04 -13.42 12.61
C ARG A 418 10.96 -14.60 12.25
N ARG A 419 10.43 -15.63 11.62
CA ARG A 419 11.27 -16.79 11.24
C ARG A 419 12.48 -16.36 10.44
N LEU A 420 12.35 -15.26 9.72
CA LEU A 420 13.39 -14.86 8.78
C LEU A 420 14.28 -13.78 9.39
N THR A 421 13.85 -13.25 10.52
CA THR A 421 14.61 -12.19 11.16
C THR A 421 14.92 -12.52 12.61
N PRO A 422 15.96 -13.34 12.80
CA PRO A 422 16.55 -13.64 14.10
C PRO A 422 17.52 -12.51 14.45
N SER A 423 17.79 -12.31 15.73
CA SER A 423 18.59 -11.18 16.18
C SER A 423 17.79 -9.88 16.07
N CYS A 424 16.62 -9.95 15.45
CA CYS A 424 15.75 -8.79 15.36
C CYS A 424 14.50 -8.98 16.17
N GLU A 425 14.14 -7.94 16.91
CA GLU A 425 12.96 -7.93 17.76
C GLU A 425 12.00 -6.93 17.12
N ILE A 426 11.10 -7.41 16.27
CA ILE A 426 10.23 -6.52 15.52
C ILE A 426 8.92 -6.21 16.25
N THR A 427 8.53 -4.95 16.23
CA THR A 427 7.31 -4.51 16.88
C THR A 427 6.40 -3.90 15.83
N PHE A 428 5.14 -4.32 15.80
CA PHE A 428 4.19 -3.78 14.83
C PHE A 428 3.19 -2.87 15.52
N ILE A 429 2.97 -1.70 14.93
CA ILE A 429 1.93 -0.79 15.41
C ILE A 429 1.01 -0.52 14.26
N GLU A 430 -0.31 -0.55 14.50
CA GLU A 430 -1.24 -0.19 13.45
C GLU A 430 -1.63 1.28 13.53
N SER A 431 -1.43 2.02 12.44
CA SER A 431 -1.60 3.46 12.44
C SER A 431 -3.07 3.83 12.58
N GLU A 432 -3.42 4.42 13.72
CA GLU A 432 -4.74 4.99 13.92
C GLU A 432 -4.80 6.28 13.10
N GLU A 433 -5.44 6.22 11.93
CA GLU A 433 -5.35 7.30 10.95
C GLU A 433 -3.89 7.72 10.71
N GLY A 434 -3.19 6.96 9.89
CA GLY A 434 -1.80 7.25 9.61
C GLY A 434 -1.60 8.18 8.43
N SER A 435 -2.55 8.17 7.49
CA SER A 435 -2.49 9.07 6.34
C SER A 435 -2.69 10.49 6.79
N GLY A 436 -3.87 10.75 7.37
CA GLY A 436 -4.17 12.08 7.86
C GLY A 436 -3.07 12.69 8.72
N ARG A 437 -2.66 12.00 9.77
CA ARG A 437 -1.73 12.58 10.72
C ARG A 437 -0.26 12.46 10.30
N GLY A 438 0.06 11.44 9.51
CA GLY A 438 1.41 11.33 8.99
C GLY A 438 1.70 12.50 8.07
N ALA A 439 0.79 12.78 7.15
CA ALA A 439 0.95 13.92 6.26
C ALA A 439 1.05 15.21 7.09
N ALA A 440 0.06 15.42 7.96
CA ALA A 440 0.04 16.63 8.77
C ALA A 440 1.36 16.82 9.51
N LEU A 441 1.82 15.75 10.16
CA LEU A 441 3.07 15.79 10.90
C LEU A 441 4.24 16.22 10.02
N VAL A 442 4.23 15.74 8.78
CA VAL A 442 5.30 16.01 7.83
C VAL A 442 5.17 17.43 7.26
N SER A 443 3.93 17.88 7.10
CA SER A 443 3.67 19.25 6.68
C SER A 443 4.09 20.21 7.77
N ALA A 444 3.69 19.91 9.00
CA ALA A 444 4.11 20.69 10.17
C ALA A 444 5.59 21.05 10.17
N VAL A 445 6.42 20.20 9.58
CA VAL A 445 7.84 20.43 9.60
C VAL A 445 8.32 20.99 8.27
N ALA A 446 7.60 20.67 7.22
CA ALA A 446 7.87 21.25 5.92
C ALA A 446 7.48 22.71 5.98
N CYS A 447 6.48 23.01 6.81
CA CYS A 447 5.85 24.33 6.85
C CYS A 447 6.55 25.27 7.83
N LYS A 448 7.58 24.76 8.50
CA LYS A 448 8.47 25.65 9.24
C LYS A 448 9.51 26.19 8.27
N LYS A 449 9.38 25.83 7.00
CA LYS A 449 10.22 26.38 5.95
C LYS A 449 9.40 27.23 4.95
N ALA A 450 8.18 26.78 4.64
CA ALA A 450 7.32 27.47 3.69
C ALA A 450 6.26 28.34 4.39
N CYS A 451 6.55 28.71 5.64
CA CYS A 451 5.68 29.60 6.40
C CYS A 451 6.26 29.86 7.79
#